data_4IZY
#
_entry.id   4IZY
#
_cell.length_a   60.426
_cell.length_b   82.371
_cell.length_c   82.027
_cell.angle_alpha   90.00
_cell.angle_beta   90.00
_cell.angle_gamma   90.00
#
_symmetry.space_group_name_H-M   'P 21 21 21'
#
loop_
_entity.id
_entity.type
_entity.pdbx_description
1 polymer 'Mitogen-activated protein kinase 8'
2 polymer 'C-Jun-amino-terminal kinase-interacting protein 1'
3 non-polymer trans-4-[(4-{4-[4-(methylsulfonyl)piperidin-1-yl]-1H-indol-1-yl}pyrimidin-2-yl)amino]cyclohexanol
4 water water
#
loop_
_entity_poly.entity_id
_entity_poly.type
_entity_poly.pdbx_seq_one_letter_code
_entity_poly.pdbx_strand_id
1 'polypeptide(L)'
;MSRSKRDNNFYSVEIGDSTFTVLKRYQNLKPIGSGAQGIVCAAYDAILERNVAIKKLSRPFQNQTHAKRAYRELVLMKCV
NHKNIIGLLNVFTPQKSLEEFQDVYIVMELMDANLCQVIQMELDHERMSYLLYQMLCGIKHLHSAGIIHRDLKPSNIVVK
SDCTLKILDFGLARTAGTSFMMTPYVVTRYYRAPEVILGMGYKENVDIWSVGCIMGEMIKGGVLFPGTDHIDQWNKVIEQ
LGTPCPEFMKKLQPTVRTYVENRPKYAGYSFEKLFPDVLFPADSEHNKLKASQARDLLSKMLVIDASKRISVDEALQHPY
INVWYDPSEAEAPPPKIPDKQLDEREHTIEEWKELIYKEVMDLHHHHHH
;
A
2 'polypeptide(L)' RPKRPTTLNLF B
#
# COMPACT_ATOMS: atom_id res chain seq x y z
N ASN A 8 -23.00 -10.01 -27.27
CA ASN A 8 -22.10 -10.66 -28.27
C ASN A 8 -20.64 -10.18 -28.25
N ASN A 9 -20.39 -9.01 -27.65
CA ASN A 9 -19.03 -8.54 -27.36
C ASN A 9 -18.38 -9.21 -26.13
N PHE A 10 -19.20 -9.92 -25.34
CA PHE A 10 -18.78 -10.53 -24.09
C PHE A 10 -18.83 -12.06 -24.15
N TYR A 11 -18.08 -12.70 -23.26
CA TYR A 11 -18.18 -14.14 -23.06
C TYR A 11 -18.06 -14.43 -21.55
N SER A 12 -18.47 -15.63 -21.14
CA SER A 12 -18.43 -16.03 -19.73
C SER A 12 -17.42 -17.14 -19.49
N VAL A 13 -16.69 -17.02 -18.39
CA VAL A 13 -15.75 -18.04 -17.94
C VAL A 13 -16.12 -18.30 -16.50
N GLU A 14 -16.29 -19.57 -16.15
CA GLU A 14 -16.49 -19.93 -14.76
C GLU A 14 -15.17 -19.91 -14.00
N ILE A 15 -15.17 -19.25 -12.86
CA ILE A 15 -14.00 -19.05 -12.01
C ILE A 15 -14.40 -19.52 -10.63
N GLY A 16 -14.03 -20.76 -10.29
CA GLY A 16 -14.63 -21.42 -9.15
C GLY A 16 -16.15 -21.27 -9.21
N ASP A 17 -16.74 -20.81 -8.10
CA ASP A 17 -18.18 -20.64 -8.00
C ASP A 17 -18.69 -19.34 -8.60
N SER A 18 -17.78 -18.53 -9.13
CA SER A 18 -18.11 -17.21 -9.64
C SER A 18 -18.01 -17.21 -11.16
N THR A 19 -18.85 -16.40 -11.81
CA THR A 19 -18.83 -16.22 -13.27
C THR A 19 -18.24 -14.88 -13.66
N PHE A 20 -17.16 -14.91 -14.44
CA PHE A 20 -16.58 -13.71 -15.00
C PHE A 20 -17.12 -13.52 -16.41
N THR A 21 -17.99 -12.53 -16.60
CA THR A 21 -18.52 -12.21 -17.91
C THR A 21 -17.82 -10.95 -18.36
N VAL A 22 -16.95 -11.09 -19.36
CA VAL A 22 -15.99 -10.05 -19.73
C VAL A 22 -15.90 -9.84 -21.24
N LEU A 23 -15.40 -8.68 -21.65
CA LEU A 23 -15.16 -8.38 -23.06
C LEU A 23 -14.27 -9.45 -23.68
N LYS A 24 -14.50 -9.74 -24.96
CA LYS A 24 -13.73 -10.76 -25.66
C LYS A 24 -12.21 -10.50 -25.74
N ARG A 25 -11.81 -9.23 -25.76
CA ARG A 25 -10.40 -8.87 -25.72
C ARG A 25 -9.61 -9.53 -24.58
N TYR A 26 -10.31 -9.91 -23.51
CA TYR A 26 -9.66 -10.50 -22.34
C TYR A 26 -9.77 -12.01 -22.36
N GLN A 27 -8.62 -12.66 -22.52
CA GLN A 27 -8.55 -14.10 -22.60
C GLN A 27 -7.62 -14.61 -21.49
N ASN A 28 -7.50 -15.93 -21.40
CA ASN A 28 -6.56 -16.59 -20.51
C ASN A 28 -6.78 -16.26 -19.03
N LEU A 29 -8.04 -16.09 -18.64
CA LEU A 29 -8.36 -15.71 -17.27
C LEU A 29 -7.97 -16.80 -16.29
N LYS A 30 -7.50 -16.37 -15.13
CA LYS A 30 -7.03 -17.26 -14.08
C LYS A 30 -7.10 -16.48 -12.78
N PRO A 31 -7.75 -17.06 -11.75
CA PRO A 31 -7.88 -16.39 -10.44
C PRO A 31 -6.55 -16.34 -9.70
N ILE A 32 -6.17 -15.12 -9.31
CA ILE A 32 -4.94 -14.86 -8.56
C ILE A 32 -5.22 -14.32 -7.16
N GLY A 33 -6.49 -14.09 -6.83
CA GLY A 33 -6.84 -13.63 -5.49
C GLY A 33 -8.27 -13.25 -5.25
N SER A 34 -8.65 -13.24 -3.98
CA SER A 34 -9.99 -12.84 -3.59
C SER A 34 -10.00 -12.25 -2.18
N GLY A 35 -11.14 -11.66 -1.83
CA GLY A 35 -11.38 -11.05 -0.53
C GLY A 35 -12.83 -10.68 -0.43
N ALA A 36 -13.19 -9.93 0.61
CA ALA A 36 -14.59 -9.58 0.85
C ALA A 36 -15.20 -8.64 -0.20
N GLN A 37 -14.35 -7.90 -0.91
CA GLN A 37 -14.81 -6.89 -1.89
C GLN A 37 -14.71 -7.30 -3.35
N GLY A 38 -13.95 -8.35 -3.66
CA GLY A 38 -13.84 -8.74 -5.05
C GLY A 38 -13.02 -9.96 -5.36
N ILE A 39 -13.14 -10.43 -6.60
CA ILE A 39 -12.31 -11.52 -7.09
C ILE A 39 -11.44 -10.95 -8.19
N VAL A 40 -10.18 -11.36 -8.19
CA VAL A 40 -9.21 -10.89 -9.17
C VAL A 40 -8.61 -12.02 -10.00
N CYS A 41 -8.65 -11.84 -11.31
CA CYS A 41 -8.06 -12.76 -12.28
C CYS A 41 -6.93 -12.11 -13.07
N ALA A 42 -5.85 -12.87 -13.31
CA ALA A 42 -4.88 -12.47 -14.33
C ALA A 42 -5.49 -12.81 -15.68
N ALA A 43 -5.15 -12.00 -16.68
CA ALA A 43 -5.68 -12.20 -18.03
C ALA A 43 -4.74 -11.62 -19.06
N TYR A 44 -5.01 -11.92 -20.32
CA TYR A 44 -4.31 -11.28 -21.43
C TYR A 44 -5.27 -10.45 -22.27
N ASP A 45 -4.91 -9.18 -22.47
CA ASP A 45 -5.70 -8.25 -23.27
C ASP A 45 -5.19 -8.30 -24.70
N ALA A 46 -5.98 -8.91 -25.58
CA ALA A 46 -5.58 -9.12 -26.97
C ALA A 46 -5.50 -7.82 -27.77
N ILE A 47 -6.17 -6.76 -27.31
CA ILE A 47 -6.16 -5.49 -28.02
C ILE A 47 -4.93 -4.63 -27.67
N LEU A 48 -4.64 -4.48 -26.38
CA LEU A 48 -3.43 -3.77 -25.96
C LEU A 48 -2.18 -4.64 -26.07
N GLU A 49 -2.40 -5.94 -26.23
CA GLU A 49 -1.30 -6.91 -26.28
C GLU A 49 -0.43 -6.85 -25.04
N ARG A 50 -1.08 -6.87 -23.87
CA ARG A 50 -0.36 -6.92 -22.62
C ARG A 50 -1.18 -7.64 -21.56
N ASN A 51 -0.48 -8.06 -20.51
CA ASN A 51 -1.14 -8.71 -19.39
C ASN A 51 -1.89 -7.73 -18.51
N VAL A 52 -3.04 -8.17 -18.01
CA VAL A 52 -3.88 -7.34 -17.13
C VAL A 52 -4.35 -8.12 -15.90
N ALA A 53 -4.81 -7.36 -14.89
CA ALA A 53 -5.55 -7.92 -13.77
C ALA A 53 -6.98 -7.41 -13.85
N ILE A 54 -7.94 -8.35 -13.79
CA ILE A 54 -9.35 -8.00 -13.82
C ILE A 54 -9.96 -8.29 -12.46
N LYS A 55 -10.51 -7.24 -11.85
CA LYS A 55 -11.23 -7.38 -10.58
C LYS A 55 -12.74 -7.26 -10.78
N LYS A 56 -13.46 -8.34 -10.50
CA LYS A 56 -14.93 -8.28 -10.39
C LYS A 56 -15.29 -7.91 -8.97
N LEU A 57 -16.01 -6.80 -8.80
CA LEU A 57 -16.43 -6.38 -7.48
C LEU A 57 -17.43 -7.38 -6.91
N SER A 58 -17.36 -7.60 -5.61
CA SER A 58 -18.22 -8.55 -4.92
C SER A 58 -19.39 -7.85 -4.22
N ARG A 59 -20.60 -8.26 -4.59
CA ARG A 59 -21.85 -7.72 -4.01
C ARG A 59 -21.77 -6.20 -3.83
N PRO A 60 -21.55 -5.45 -4.92
CA PRO A 60 -21.40 -4.00 -4.76
C PRO A 60 -22.68 -3.30 -4.31
N PHE A 61 -23.85 -3.91 -4.57
CA PHE A 61 -25.15 -3.28 -4.27
C PHE A 61 -25.94 -4.00 -3.18
N GLN A 62 -25.25 -4.77 -2.35
CA GLN A 62 -25.88 -5.50 -1.26
C GLN A 62 -26.48 -4.53 -0.24
N ASN A 63 -25.75 -3.44 0.01
CA ASN A 63 -26.21 -2.37 0.87
C ASN A 63 -25.52 -1.05 0.56
N GLN A 64 -25.94 0.01 1.25
CA GLN A 64 -25.39 1.35 1.05
C GLN A 64 -23.88 1.40 1.30
N THR A 65 -23.42 0.63 2.28
CA THR A 65 -21.99 0.57 2.61
C THR A 65 -21.15 -0.03 1.46
N HIS A 66 -21.58 -1.18 0.93
CA HIS A 66 -20.89 -1.80 -0.20
C HIS A 66 -20.87 -0.85 -1.39
N ALA A 67 -21.99 -0.19 -1.65
CA ALA A 67 -22.12 0.70 -2.80
C ALA A 67 -21.20 1.89 -2.64
N LYS A 68 -21.11 2.40 -1.40
CA LYS A 68 -20.31 3.57 -1.08
C LYS A 68 -18.84 3.31 -1.37
N ARG A 69 -18.35 2.14 -0.96
CA ARG A 69 -16.96 1.74 -1.20
C ARG A 69 -16.68 1.53 -2.69
N ALA A 70 -17.56 0.80 -3.35
CA ALA A 70 -17.44 0.56 -4.80
C ALA A 70 -17.34 1.88 -5.56
N TYR A 71 -18.21 2.84 -5.21
CA TYR A 71 -18.20 4.16 -5.84
C TYR A 71 -16.90 4.89 -5.58
N ARG A 72 -16.48 4.87 -4.32
CA ARG A 72 -15.22 5.47 -3.87
C ARG A 72 -14.00 4.89 -4.61
N GLU A 73 -13.91 3.56 -4.64
CA GLU A 73 -12.79 2.87 -5.29
C GLU A 73 -12.72 3.27 -6.75
N LEU A 74 -13.86 3.23 -7.41
CA LEU A 74 -13.97 3.58 -8.82
C LEU A 74 -13.53 5.02 -9.11
N VAL A 75 -14.00 5.96 -8.30
CA VAL A 75 -13.72 7.38 -8.53
C VAL A 75 -12.23 7.71 -8.31
N LEU A 76 -11.64 7.16 -7.25
CA LEU A 76 -10.23 7.39 -6.93
C LEU A 76 -9.27 6.80 -7.97
N MET A 77 -9.59 5.61 -8.47
CA MET A 77 -8.78 4.99 -9.53
C MET A 77 -8.79 5.79 -10.84
N LYS A 78 -9.93 6.41 -11.12
CA LYS A 78 -10.09 7.26 -12.28
C LYS A 78 -9.31 8.56 -12.13
N CYS A 79 -9.40 9.17 -10.96
CA CYS A 79 -8.94 10.53 -10.76
C CYS A 79 -7.50 10.60 -10.30
N VAL A 80 -7.08 9.58 -9.57
CA VAL A 80 -5.69 9.44 -9.24
C VAL A 80 -4.93 8.86 -10.45
N ASN A 81 -3.85 9.55 -10.81
CA ASN A 81 -2.98 9.09 -11.87
C ASN A 81 -1.54 9.39 -11.47
N HIS A 82 -0.72 8.36 -11.38
CA HIS A 82 0.70 8.48 -11.09
C HIS A 82 1.38 7.15 -11.39
N LYS A 83 2.58 7.20 -11.96
CA LYS A 83 3.29 5.99 -12.33
C LYS A 83 3.46 5.02 -11.15
N ASN A 84 3.46 5.54 -9.93
CA ASN A 84 3.69 4.71 -8.75
C ASN A 84 2.43 4.31 -8.00
N ILE A 85 1.30 4.42 -8.69
CA ILE A 85 0.00 3.99 -8.16
C ILE A 85 -0.68 3.15 -9.21
N ILE A 86 -1.23 2.02 -8.81
CA ILE A 86 -1.92 1.13 -9.73
C ILE A 86 -2.96 1.96 -10.49
N GLY A 87 -2.97 1.81 -11.80
CA GLY A 87 -3.82 2.61 -12.65
C GLY A 87 -5.00 1.86 -13.23
N LEU A 88 -6.02 2.62 -13.62
CA LEU A 88 -7.17 2.07 -14.31
C LEU A 88 -6.98 2.04 -15.83
N LEU A 89 -6.94 0.83 -16.38
CA LEU A 89 -6.87 0.65 -17.81
C LEU A 89 -8.26 0.71 -18.46
N ASN A 90 -9.25 0.14 -17.76
CA ASN A 90 -10.60 -0.02 -18.28
C ASN A 90 -11.58 -0.34 -17.15
N VAL A 91 -12.86 -0.03 -17.38
CA VAL A 91 -13.96 -0.43 -16.49
C VAL A 91 -15.10 -0.85 -17.37
N PHE A 92 -15.82 -1.91 -16.99
CA PHE A 92 -16.99 -2.29 -17.77
C PHE A 92 -18.02 -3.02 -16.93
N THR A 93 -19.24 -3.03 -17.45
CA THR A 93 -20.31 -3.90 -16.99
C THR A 93 -20.80 -4.74 -18.18
N PRO A 94 -21.09 -6.03 -17.95
CA PRO A 94 -21.70 -6.83 -19.03
C PRO A 94 -23.19 -6.52 -19.25
N GLN A 95 -23.82 -5.82 -18.31
CA GLN A 95 -25.24 -5.52 -18.45
C GLN A 95 -25.46 -4.29 -19.33
N LYS A 96 -26.51 -4.35 -20.14
CA LYS A 96 -26.70 -3.37 -21.21
C LYS A 96 -27.50 -2.14 -20.76
N SER A 97 -27.96 -2.14 -19.51
CA SER A 97 -28.79 -1.04 -19.00
C SER A 97 -28.65 -0.81 -17.50
N LEU A 98 -29.07 0.37 -17.05
CA LEU A 98 -29.12 0.70 -15.63
C LEU A 98 -30.06 -0.23 -14.87
N GLU A 99 -31.20 -0.54 -15.48
CA GLU A 99 -32.19 -1.42 -14.87
C GLU A 99 -31.63 -2.82 -14.64
N GLU A 100 -30.77 -3.27 -15.56
CA GLU A 100 -30.18 -4.61 -15.47
C GLU A 100 -28.85 -4.61 -14.72
N PHE A 101 -28.23 -3.42 -14.65
CA PHE A 101 -26.91 -3.22 -14.04
C PHE A 101 -26.75 -3.95 -12.71
N GLN A 102 -25.72 -4.80 -12.65
CA GLN A 102 -25.44 -5.58 -11.46
C GLN A 102 -23.94 -5.67 -11.16
N ASP A 103 -23.13 -5.86 -12.20
CA ASP A 103 -21.71 -6.21 -12.04
C ASP A 103 -20.75 -5.13 -12.55
N VAL A 104 -19.64 -4.94 -11.82
CA VAL A 104 -18.59 -4.00 -12.18
C VAL A 104 -17.23 -4.72 -12.26
N TYR A 105 -16.53 -4.54 -13.39
CA TYR A 105 -15.21 -5.09 -13.58
C TYR A 105 -14.22 -3.94 -13.78
N ILE A 106 -13.11 -4.02 -13.05
CA ILE A 106 -12.03 -3.03 -13.10
C ILE A 106 -10.80 -3.73 -13.68
N VAL A 107 -10.15 -3.07 -14.65
CA VAL A 107 -8.99 -3.64 -15.32
C VAL A 107 -7.76 -2.80 -15.05
N MET A 108 -6.69 -3.48 -14.61
CA MET A 108 -5.43 -2.86 -14.27
C MET A 108 -4.29 -3.57 -15.00
N GLU A 109 -3.15 -2.90 -15.06
CA GLU A 109 -1.91 -3.53 -15.51
C GLU A 109 -1.55 -4.67 -14.57
N LEU A 110 -1.20 -5.81 -15.15
CA LEU A 110 -0.75 -6.96 -14.36
C LEU A 110 0.71 -6.82 -13.96
N MET A 111 0.93 -6.63 -12.67
CA MET A 111 2.26 -6.59 -12.07
C MET A 111 2.75 -8.01 -11.78
N ASP A 112 4.08 -8.15 -11.67
CA ASP A 112 4.70 -9.46 -11.56
C ASP A 112 4.64 -10.04 -10.14
N ALA A 113 4.75 -9.17 -9.13
CA ALA A 113 4.78 -9.62 -7.74
C ALA A 113 4.44 -8.49 -6.77
N ASN A 114 4.05 -8.86 -5.55
CA ASN A 114 4.08 -7.92 -4.43
C ASN A 114 5.49 -7.92 -3.80
N LEU A 115 5.68 -7.18 -2.72
CA LEU A 115 7.02 -7.04 -2.12
C LEU A 115 7.42 -8.13 -1.13
N CYS A 116 6.50 -9.04 -0.79
CA CYS A 116 6.71 -9.98 0.32
C CYS A 116 8.01 -10.79 0.26
N GLN A 117 8.32 -11.39 -0.88
CA GLN A 117 9.53 -12.20 -0.98
C GLN A 117 10.73 -11.36 -1.36
N VAL A 118 10.50 -10.46 -2.32
CA VAL A 118 11.52 -9.57 -2.84
C VAL A 118 12.33 -8.89 -1.74
N ILE A 119 11.66 -8.36 -0.72
CA ILE A 119 12.36 -7.61 0.32
C ILE A 119 13.20 -8.50 1.24
N GLN A 120 12.96 -9.80 1.21
CA GLN A 120 13.73 -10.76 2.03
C GLN A 120 14.83 -11.45 1.22
N MET A 121 14.88 -11.16 -0.08
CA MET A 121 16.04 -11.48 -0.90
C MET A 121 17.04 -10.37 -0.62
N GLU A 122 18.28 -10.52 -1.05
CA GLU A 122 19.25 -9.50 -0.70
C GLU A 122 19.37 -8.48 -1.83
N LEU A 123 19.04 -7.22 -1.51
CA LEU A 123 19.04 -6.15 -2.48
C LEU A 123 20.20 -5.23 -2.23
N ASP A 124 20.84 -4.77 -3.30
CA ASP A 124 21.87 -3.75 -3.19
C ASP A 124 21.24 -2.41 -2.79
N HIS A 125 22.09 -1.45 -2.43
CA HIS A 125 21.64 -0.11 -2.04
C HIS A 125 20.79 0.54 -3.12
N GLU A 126 21.26 0.44 -4.36
CA GLU A 126 20.61 1.06 -5.51
C GLU A 126 19.17 0.59 -5.68
N ARG A 127 18.95 -0.72 -5.57
CA ARG A 127 17.62 -1.28 -5.69
C ARG A 127 16.74 -0.95 -4.48
N MET A 128 17.32 -1.08 -3.29
CA MET A 128 16.68 -0.70 -2.05
C MET A 128 16.15 0.74 -2.11
N SER A 129 17.06 1.68 -2.38
CA SER A 129 16.71 3.10 -2.35
C SER A 129 15.79 3.49 -3.49
N TYR A 130 16.00 2.90 -4.67
CA TYR A 130 15.13 3.20 -5.81
C TYR A 130 13.70 2.73 -5.59
N LEU A 131 13.52 1.52 -5.03
CA LEU A 131 12.19 1.04 -4.64
C LEU A 131 11.54 1.94 -3.59
N LEU A 132 12.33 2.40 -2.64
CA LEU A 132 11.83 3.25 -1.55
C LEU A 132 11.47 4.64 -2.05
N TYR A 133 12.25 5.16 -2.99
CA TYR A 133 11.97 6.41 -3.68
C TYR A 133 10.60 6.36 -4.37
N GLN A 134 10.32 5.25 -5.03
CA GLN A 134 9.08 5.05 -5.78
C GLN A 134 7.88 4.91 -4.86
N MET A 135 8.08 4.20 -3.74
CA MET A 135 7.05 4.08 -2.71
C MET A 135 6.68 5.47 -2.24
N LEU A 136 7.68 6.23 -1.81
CA LEU A 136 7.47 7.60 -1.32
C LEU A 136 6.79 8.50 -2.37
N CYS A 137 7.24 8.44 -3.62
CA CYS A 137 6.55 9.21 -4.68
C CYS A 137 5.09 8.82 -4.76
N GLY A 138 4.80 7.53 -4.63
CA GLY A 138 3.44 7.03 -4.71
C GLY A 138 2.58 7.53 -3.57
N ILE A 139 3.12 7.40 -2.36
CA ILE A 139 2.49 7.85 -1.14
C ILE A 139 2.26 9.35 -1.16
N LYS A 140 3.26 10.13 -1.57
CA LYS A 140 3.12 11.59 -1.65
C LYS A 140 1.93 11.97 -2.55
N HIS A 141 1.80 11.30 -3.68
CA HIS A 141 0.70 11.57 -4.57
C HIS A 141 -0.64 11.20 -3.94
N LEU A 142 -0.69 10.10 -3.19
CA LEU A 142 -1.90 9.78 -2.44
C LEU A 142 -2.26 10.88 -1.43
N HIS A 143 -1.27 11.36 -0.69
CA HIS A 143 -1.51 12.41 0.30
C HIS A 143 -2.00 13.72 -0.33
N SER A 144 -1.44 14.07 -1.50
CA SER A 144 -1.85 15.26 -2.23
C SER A 144 -3.31 15.20 -2.66
N ALA A 145 -3.79 13.98 -2.88
CA ALA A 145 -5.18 13.74 -3.26
C ALA A 145 -6.08 13.54 -2.02
N GLY A 146 -5.54 13.83 -0.84
CA GLY A 146 -6.28 13.72 0.40
C GLY A 146 -6.49 12.27 0.83
N ILE A 147 -5.61 11.40 0.37
CA ILE A 147 -5.69 9.98 0.75
C ILE A 147 -4.51 9.59 1.63
N ILE A 148 -4.81 9.24 2.88
CA ILE A 148 -3.81 8.72 3.78
C ILE A 148 -4.10 7.24 3.96
N HIS A 149 -3.09 6.41 3.71
CA HIS A 149 -3.28 4.98 3.59
C HIS A 149 -3.57 4.31 4.93
N ARG A 150 -2.63 4.43 5.86
CA ARG A 150 -2.78 3.86 7.21
C ARG A 150 -2.50 2.36 7.28
N ASP A 151 -2.34 1.71 6.13
CA ASP A 151 -2.17 0.26 6.09
C ASP A 151 -1.21 -0.25 5.01
N LEU A 152 -0.16 0.51 4.75
CA LEU A 152 0.86 0.05 3.82
C LEU A 152 1.57 -1.17 4.38
N LYS A 153 1.70 -2.19 3.53
CA LYS A 153 2.47 -3.39 3.81
C LYS A 153 2.98 -3.97 2.47
N PRO A 154 3.97 -4.88 2.51
CA PRO A 154 4.50 -5.47 1.28
C PRO A 154 3.44 -6.12 0.40
N SER A 155 2.39 -6.68 1.00
CA SER A 155 1.36 -7.37 0.22
C SER A 155 0.49 -6.44 -0.64
N ASN A 156 0.39 -5.17 -0.28
CA ASN A 156 -0.34 -4.23 -1.11
C ASN A 156 0.55 -3.22 -1.86
N ILE A 157 1.79 -3.64 -2.10
CA ILE A 157 2.71 -2.90 -2.94
C ILE A 157 3.28 -3.87 -3.97
N VAL A 158 3.12 -3.53 -5.24
CA VAL A 158 3.46 -4.43 -6.32
C VAL A 158 4.60 -3.92 -7.17
N VAL A 159 5.33 -4.87 -7.78
CA VAL A 159 6.49 -4.55 -8.60
C VAL A 159 6.54 -5.36 -9.90
N LYS A 160 7.44 -4.95 -10.79
CA LYS A 160 7.76 -5.71 -11.99
C LYS A 160 9.25 -6.05 -12.06
N SER A 161 9.59 -7.02 -12.92
CA SER A 161 10.96 -7.48 -13.08
C SER A 161 11.90 -6.40 -13.66
N ASP A 162 11.33 -5.28 -14.07
CA ASP A 162 12.12 -4.14 -14.55
C ASP A 162 12.42 -3.15 -13.42
N CYS A 163 12.13 -3.58 -12.19
CA CYS A 163 12.36 -2.80 -10.96
C CYS A 163 11.45 -1.56 -10.80
N THR A 164 10.28 -1.57 -11.43
CA THR A 164 9.27 -0.51 -11.21
C THR A 164 8.27 -0.96 -10.14
N LEU A 165 7.55 0.00 -9.57
CA LEU A 165 6.75 -0.23 -8.36
C LEU A 165 5.49 0.63 -8.30
N LYS A 166 4.39 0.03 -7.86
CA LYS A 166 3.14 0.74 -7.64
C LYS A 166 2.50 0.30 -6.34
N ILE A 167 1.85 1.25 -5.67
CA ILE A 167 0.98 0.96 -4.55
C ILE A 167 -0.34 0.43 -5.10
N LEU A 168 -0.84 -0.66 -4.50
CA LEU A 168 -2.01 -1.38 -5.02
C LEU A 168 -3.35 -0.73 -4.75
N ASP A 169 -3.52 -0.15 -3.56
CA ASP A 169 -4.82 0.41 -3.19
C ASP A 169 -4.71 1.66 -2.34
N PHE A 170 -5.87 2.20 -1.96
CA PHE A 170 -5.95 3.48 -1.25
C PHE A 170 -6.19 3.27 0.24
N GLY A 171 -5.99 2.04 0.70
CA GLY A 171 -6.12 1.69 2.10
C GLY A 171 -7.41 2.07 2.80
N LEU A 172 -7.27 2.47 4.06
CA LEU A 172 -8.38 2.88 4.91
C LEU A 172 -8.73 4.36 4.70
N THR A 188 -2.63 -8.80 8.94
CA THR A 188 -1.16 -8.56 9.12
C THR A 188 -0.89 -7.22 9.81
N ARG A 189 -0.40 -7.28 11.05
CA ARG A 189 -0.21 -6.06 11.84
C ARG A 189 1.24 -5.59 12.03
N TYR A 190 2.19 -6.21 11.33
CA TYR A 190 3.61 -5.87 11.50
C TYR A 190 4.01 -4.48 11.02
N TYR A 191 3.22 -3.90 10.12
CA TYR A 191 3.62 -2.67 9.44
C TYR A 191 2.78 -1.49 9.88
N ARG A 192 1.89 -1.74 10.85
CA ARG A 192 1.00 -0.71 11.38
C ARG A 192 1.76 0.24 12.31
N ALA A 193 1.53 1.54 12.12
CA ALA A 193 2.12 2.58 12.97
C ALA A 193 1.62 2.49 14.42
N PRO A 194 2.41 3.03 15.38
CA PRO A 194 1.93 3.14 16.76
C PRO A 194 0.58 3.85 16.90
N GLU A 195 0.35 4.94 16.14
CA GLU A 195 -0.95 5.65 16.14
C GLU A 195 -2.11 4.71 15.92
N VAL A 196 -1.91 3.77 15.00
CA VAL A 196 -2.94 2.81 14.62
C VAL A 196 -3.06 1.71 15.68
N ILE A 197 -1.92 1.11 16.03
CA ILE A 197 -1.87 0.05 17.06
C ILE A 197 -2.70 0.45 18.27
N LEU A 198 -2.47 1.68 18.73
CA LEU A 198 -3.16 2.24 19.87
C LEU A 198 -4.33 3.03 19.32
N GLY A 199 -5.07 3.74 20.15
CA GLY A 199 -6.28 4.36 19.61
C GLY A 199 -6.11 5.82 19.22
N MET A 200 -5.01 6.14 18.54
CA MET A 200 -4.61 7.54 18.42
C MET A 200 -5.09 8.23 17.15
N GLY A 201 -4.97 9.55 17.14
CA GLY A 201 -5.12 10.32 15.90
C GLY A 201 -3.92 10.07 15.02
N TYR A 202 -4.09 10.24 13.71
CA TYR A 202 -2.99 10.08 12.76
C TYR A 202 -2.97 11.29 11.81
N LYS A 203 -1.86 11.44 11.11
CA LYS A 203 -1.72 12.42 10.04
C LYS A 203 -0.98 11.75 8.89
N GLU A 204 -0.49 12.54 7.95
CA GLU A 204 0.29 12.07 6.80
C GLU A 204 1.42 11.08 7.16
N ASN A 205 2.24 11.42 8.16
CA ASN A 205 3.43 10.63 8.41
C ASN A 205 3.18 9.27 9.08
N VAL A 206 1.92 8.95 9.31
CA VAL A 206 1.54 7.60 9.66
C VAL A 206 2.10 6.59 8.64
N ASP A 207 2.07 6.95 7.35
CA ASP A 207 2.56 6.08 6.30
C ASP A 207 4.08 5.91 6.30
N ILE A 208 4.81 6.89 6.82
CA ILE A 208 6.26 6.83 7.01
C ILE A 208 6.68 5.65 7.89
N TRP A 209 5.93 5.37 8.96
CA TRP A 209 6.23 4.21 9.80
C TRP A 209 6.34 2.94 8.98
N SER A 210 5.34 2.69 8.15
CA SER A 210 5.26 1.50 7.30
C SER A 210 6.44 1.42 6.33
N VAL A 211 6.83 2.58 5.77
CA VAL A 211 8.01 2.66 4.93
C VAL A 211 9.26 2.26 5.72
N GLY A 212 9.31 2.72 6.98
CA GLY A 212 10.38 2.38 7.90
C GLY A 212 10.48 0.88 8.12
N CYS A 213 9.36 0.24 8.45
CA CYS A 213 9.32 -1.21 8.68
C CYS A 213 9.78 -1.99 7.46
N ILE A 214 9.40 -1.52 6.28
CA ILE A 214 9.76 -2.17 5.03
C ILE A 214 11.25 -2.03 4.73
N MET A 215 11.77 -0.80 4.85
CA MET A 215 13.18 -0.54 4.61
C MET A 215 14.05 -1.39 5.54
N GLY A 216 13.70 -1.36 6.83
CA GLY A 216 14.38 -2.17 7.82
C GLY A 216 14.43 -3.63 7.43
N GLU A 217 13.31 -4.15 6.93
CA GLU A 217 13.18 -5.54 6.52
C GLU A 217 14.06 -5.90 5.31
N MET A 218 14.16 -4.97 4.37
CA MET A 218 15.07 -5.11 3.24
C MET A 218 16.51 -5.33 3.72
N ILE A 219 16.83 -4.67 4.82
CA ILE A 219 18.16 -4.70 5.38
C ILE A 219 18.34 -5.96 6.24
N LYS A 220 17.43 -6.15 7.18
CA LYS A 220 17.49 -7.24 8.15
C LYS A 220 17.32 -8.62 7.49
N GLY A 221 16.41 -8.71 6.52
CA GLY A 221 16.12 -9.97 5.88
C GLY A 221 14.94 -10.68 6.51
N GLY A 222 14.30 -10.02 7.48
CA GLY A 222 13.14 -10.56 8.17
C GLY A 222 12.29 -9.46 8.77
N VAL A 223 11.06 -9.79 9.14
CA VAL A 223 10.13 -8.82 9.73
C VAL A 223 10.78 -8.17 10.93
N LEU A 224 10.67 -6.85 11.02
CA LEU A 224 11.26 -6.10 12.11
C LEU A 224 10.52 -6.37 13.41
N PHE A 225 9.23 -6.09 13.40
CA PHE A 225 8.40 -6.16 14.59
C PHE A 225 7.28 -7.21 14.42
N PRO A 226 7.61 -8.51 14.60
CA PRO A 226 6.66 -9.56 14.26
C PRO A 226 5.76 -9.95 15.43
N GLY A 227 4.78 -9.10 15.74
CA GLY A 227 3.87 -9.32 16.86
C GLY A 227 2.92 -10.49 16.64
N THR A 228 2.76 -11.30 17.67
CA THR A 228 1.87 -12.49 17.65
C THR A 228 0.38 -12.13 17.77
N ASP A 229 0.10 -10.89 18.16
CA ASP A 229 -1.26 -10.36 18.29
C ASP A 229 -1.20 -8.84 18.43
N HIS A 230 -2.35 -8.19 18.51
CA HIS A 230 -2.41 -6.72 18.47
C HIS A 230 -1.74 -6.02 19.65
N ILE A 231 -1.72 -6.69 20.80
CA ILE A 231 -1.04 -6.18 21.98
C ILE A 231 0.46 -6.42 21.83
N ASP A 232 0.80 -7.63 21.40
CA ASP A 232 2.18 -8.03 21.26
C ASP A 232 2.95 -7.21 20.22
N GLN A 233 2.22 -6.69 19.23
CA GLN A 233 2.80 -5.81 18.22
C GLN A 233 3.46 -4.57 18.85
N TRP A 234 2.77 -3.96 19.82
CA TRP A 234 3.31 -2.84 20.58
C TRP A 234 4.56 -3.23 21.36
N ASN A 235 4.49 -4.37 22.05
CA ASN A 235 5.61 -4.82 22.86
C ASN A 235 6.87 -5.07 22.03
N LYS A 236 6.70 -5.73 20.89
CA LYS A 236 7.81 -5.95 19.95
C LYS A 236 8.49 -4.64 19.54
N VAL A 237 7.68 -3.60 19.26
CA VAL A 237 8.22 -2.30 18.87
C VAL A 237 9.05 -1.65 19.98
N ILE A 238 8.48 -1.57 21.17
CA ILE A 238 9.12 -0.88 22.29
C ILE A 238 10.34 -1.65 22.80
N GLU A 239 10.30 -2.97 22.72
CA GLU A 239 11.44 -3.81 23.09
C GLU A 239 12.69 -3.41 22.30
N GLN A 240 12.49 -3.10 21.01
CA GLN A 240 13.59 -2.71 20.12
C GLN A 240 13.87 -1.20 20.12
N LEU A 241 12.82 -0.38 20.19
CA LEU A 241 12.96 1.06 20.03
C LEU A 241 13.01 1.88 21.33
N GLY A 242 12.48 1.29 22.42
CA GLY A 242 12.40 1.98 23.69
C GLY A 242 10.99 2.43 24.01
N THR A 243 10.67 2.46 25.30
CA THR A 243 9.41 2.97 25.81
C THR A 243 9.31 4.47 25.50
N PRO A 244 8.17 4.92 24.94
CA PRO A 244 8.06 6.33 24.60
C PRO A 244 7.95 7.19 25.86
N CYS A 245 8.30 8.46 25.74
CA CYS A 245 8.33 9.37 26.87
C CYS A 245 6.92 9.64 27.43
N PRO A 246 6.83 10.21 28.64
CA PRO A 246 5.54 10.56 29.25
C PRO A 246 4.66 11.48 28.40
N GLU A 247 5.25 12.50 27.76
CA GLU A 247 4.52 13.41 26.86
C GLU A 247 3.58 12.63 25.96
N PHE A 248 4.15 11.59 25.33
CA PHE A 248 3.43 10.71 24.42
C PHE A 248 2.36 9.91 25.15
N MET A 249 2.69 9.42 26.35
CA MET A 249 1.77 8.60 27.14
C MET A 249 0.48 9.36 27.40
N LYS A 250 0.61 10.67 27.59
CA LYS A 250 -0.53 11.56 27.84
C LYS A 250 -1.53 11.61 26.69
N LYS A 251 -1.07 11.37 25.46
CA LYS A 251 -1.93 11.40 24.27
C LYS A 251 -2.82 10.16 24.13
N LEU A 252 -2.51 9.11 24.89
CA LEU A 252 -3.26 7.86 24.82
C LEU A 252 -4.60 8.00 25.53
N GLN A 253 -5.62 7.36 24.97
CA GLN A 253 -6.91 7.24 25.62
C GLN A 253 -6.76 6.42 26.91
N PRO A 254 -7.52 6.80 27.96
CA PRO A 254 -7.41 6.23 29.32
C PRO A 254 -7.25 4.70 29.37
N THR A 255 -8.09 3.97 28.65
CA THR A 255 -8.08 2.52 28.73
C THR A 255 -6.78 1.90 28.16
N VAL A 256 -6.30 2.46 27.06
CA VAL A 256 -5.05 1.99 26.45
C VAL A 256 -3.83 2.51 27.22
N ARG A 257 -3.92 3.72 27.75
CA ARG A 257 -2.86 4.30 28.57
C ARG A 257 -2.57 3.44 29.82
N THR A 258 -3.61 2.88 30.42
CA THR A 258 -3.47 2.04 31.62
C THR A 258 -2.61 0.80 31.35
N TYR A 259 -2.76 0.19 30.18
CA TYR A 259 -1.88 -0.90 29.82
C TYR A 259 -0.46 -0.41 29.47
N VAL A 260 -0.37 0.52 28.51
CA VAL A 260 0.91 0.93 27.95
C VAL A 260 1.89 1.52 28.97
N GLU A 261 1.37 2.37 29.85
CA GLU A 261 2.15 3.09 30.83
C GLU A 261 2.73 2.17 31.91
N ASN A 262 2.12 1.02 32.11
CA ASN A 262 2.52 0.12 33.20
C ASN A 262 3.30 -1.10 32.75
N ARG A 263 3.93 -0.99 31.58
CA ARG A 263 4.83 -2.01 31.10
C ARG A 263 6.22 -1.81 31.72
N PRO A 264 7.09 -2.83 31.69
CA PRO A 264 8.48 -2.57 32.04
C PRO A 264 9.09 -1.52 31.10
N LYS A 265 10.06 -0.76 31.60
CA LYS A 265 10.66 0.34 30.85
C LYS A 265 11.85 -0.13 30.02
N TYR A 266 11.70 -0.08 28.70
CA TYR A 266 12.77 -0.45 27.78
C TYR A 266 13.51 0.79 27.28
N ALA A 267 14.83 0.68 27.21
CA ALA A 267 15.71 1.78 26.80
C ALA A 267 15.80 1.89 25.28
N GLY A 268 15.55 0.78 24.59
CA GLY A 268 15.75 0.69 23.16
C GLY A 268 17.22 0.53 22.81
N TYR A 269 17.48 0.07 21.60
CA TYR A 269 18.85 -0.02 21.09
C TYR A 269 19.07 1.07 20.06
N SER A 270 20.29 1.57 19.97
CA SER A 270 20.67 2.55 18.97
C SER A 270 20.53 1.94 17.58
N PHE A 271 20.45 2.80 16.57
CA PHE A 271 20.26 2.30 15.21
C PHE A 271 21.52 1.66 14.63
N GLU A 272 22.68 1.99 15.20
CA GLU A 272 23.93 1.29 14.92
C GLU A 272 23.82 -0.17 15.37
N LYS A 273 23.23 -0.40 16.54
CA LYS A 273 23.07 -1.76 17.06
C LYS A 273 21.96 -2.51 16.31
N LEU A 274 20.84 -1.83 16.07
CA LEU A 274 19.73 -2.43 15.34
C LEU A 274 20.09 -2.72 13.88
N PHE A 275 20.89 -1.84 13.27
CA PHE A 275 21.27 -1.99 11.85
C PHE A 275 22.79 -1.81 11.61
N PRO A 276 23.62 -2.74 12.11
CA PRO A 276 25.08 -2.62 11.95
C PRO A 276 25.52 -2.85 10.52
N ASP A 277 26.71 -2.37 10.18
CA ASP A 277 27.28 -2.48 8.82
C ASP A 277 27.18 -3.88 8.21
N VAL A 278 27.33 -4.91 9.03
CA VAL A 278 27.39 -6.29 8.53
C VAL A 278 26.07 -6.78 7.89
N LEU A 279 24.97 -6.07 8.17
CA LEU A 279 23.66 -6.41 7.60
C LEU A 279 23.48 -5.91 6.18
N PHE A 280 24.28 -4.93 5.79
CA PHE A 280 24.17 -4.26 4.49
C PHE A 280 24.99 -4.95 3.39
N PRO A 281 24.63 -4.67 2.13
CA PRO A 281 25.46 -5.02 0.96
C PRO A 281 26.51 -3.95 0.68
N LEU A 289 29.61 4.75 3.69
CA LEU A 289 28.72 5.95 3.63
C LEU A 289 27.25 5.57 3.43
N LYS A 290 26.96 4.70 2.45
CA LYS A 290 25.57 4.36 2.15
C LYS A 290 24.83 3.72 3.33
N ALA A 291 25.49 2.79 4.03
CA ALA A 291 24.91 2.18 5.24
C ALA A 291 24.64 3.25 6.32
N SER A 292 25.56 4.20 6.42
CA SER A 292 25.45 5.31 7.34
C SER A 292 24.26 6.21 6.99
N GLN A 293 24.00 6.36 5.71
CA GLN A 293 22.89 7.18 5.22
C GLN A 293 21.54 6.47 5.42
N ALA A 294 21.53 5.17 5.15
CA ALA A 294 20.35 4.33 5.39
C ALA A 294 19.97 4.30 6.87
N ARG A 295 20.94 4.05 7.74
CA ARG A 295 20.70 4.09 9.19
C ARG A 295 20.09 5.40 9.66
N ASP A 296 20.67 6.51 9.22
CA ASP A 296 20.21 7.84 9.58
C ASP A 296 18.73 8.04 9.19
N LEU A 297 18.38 7.62 7.97
CA LEU A 297 17.00 7.67 7.48
C LEU A 297 16.08 6.75 8.27
N LEU A 298 16.52 5.52 8.50
CA LEU A 298 15.77 4.59 9.33
C LEU A 298 15.48 5.18 10.71
N SER A 299 16.51 5.79 11.33
CA SER A 299 16.35 6.36 12.66
C SER A 299 15.35 7.53 12.71
N LYS A 300 14.96 8.04 11.55
CA LYS A 300 14.05 9.17 11.48
C LYS A 300 12.61 8.77 11.13
N MET A 301 12.45 7.57 10.57
CA MET A 301 11.15 7.04 10.14
C MET A 301 10.54 6.15 11.22
N LEU A 302 11.39 5.29 11.79
CA LEU A 302 11.00 4.40 12.87
C LEU A 302 11.03 5.17 14.19
N VAL A 303 10.18 6.19 14.28
CA VAL A 303 10.03 6.98 15.49
C VAL A 303 8.61 6.79 15.97
N ILE A 304 8.47 6.32 17.21
CA ILE A 304 7.16 5.96 17.78
C ILE A 304 6.23 7.18 17.82
N ASP A 305 6.72 8.27 18.38
CA ASP A 305 5.96 9.51 18.49
C ASP A 305 5.92 10.23 17.15
N ALA A 306 4.74 10.24 16.54
CA ALA A 306 4.54 10.77 15.18
C ALA A 306 4.96 12.23 15.03
N SER A 307 4.86 12.98 16.13
CA SER A 307 5.21 14.40 16.14
C SER A 307 6.73 14.59 16.07
N LYS A 308 7.48 13.50 16.21
CA LYS A 308 8.93 13.52 16.06
C LYS A 308 9.43 12.72 14.83
N ARG A 309 8.49 12.10 14.11
CA ARG A 309 8.81 11.28 12.95
C ARG A 309 8.97 12.14 11.70
N ILE A 310 9.90 11.76 10.84
CA ILE A 310 10.12 12.41 9.54
C ILE A 310 8.86 12.39 8.66
N SER A 311 8.72 13.43 7.84
CA SER A 311 7.62 13.54 6.90
C SER A 311 8.00 12.96 5.55
N VAL A 312 6.99 12.72 4.72
CA VAL A 312 7.22 12.26 3.35
C VAL A 312 8.18 13.16 2.53
N ASP A 313 8.00 14.48 2.60
CA ASP A 313 8.86 15.42 1.87
C ASP A 313 10.32 15.35 2.34
N GLU A 314 10.53 15.31 3.65
CA GLU A 314 11.88 15.22 4.19
C GLU A 314 12.52 13.87 3.81
N ALA A 315 11.70 12.81 3.77
CA ALA A 315 12.17 11.49 3.37
C ALA A 315 12.68 11.49 1.93
N LEU A 316 11.91 12.11 1.03
CA LEU A 316 12.30 12.22 -0.38
C LEU A 316 13.56 13.09 -0.55
N GLN A 317 13.80 14.00 0.38
CA GLN A 317 14.97 14.87 0.36
C GLN A 317 16.21 14.28 1.01
N HIS A 318 16.04 13.16 1.72
CA HIS A 318 17.18 12.52 2.40
C HIS A 318 18.20 12.09 1.35
N PRO A 319 19.51 12.26 1.64
CA PRO A 319 20.54 11.89 0.65
C PRO A 319 20.45 10.43 0.15
N TYR A 320 19.96 9.52 0.99
CA TYR A 320 19.78 8.13 0.56
C TYR A 320 18.74 7.98 -0.56
N ILE A 321 17.69 8.80 -0.50
CA ILE A 321 16.57 8.74 -1.44
C ILE A 321 16.74 9.74 -2.56
N ASN A 322 17.27 10.92 -2.23
CA ASN A 322 17.31 12.06 -3.14
C ASN A 322 18.11 11.85 -4.42
N VAL A 323 18.97 10.83 -4.43
CA VAL A 323 19.80 10.52 -5.62
C VAL A 323 18.97 10.24 -6.90
N TRP A 324 17.70 9.86 -6.73
CA TRP A 324 16.82 9.54 -7.85
C TRP A 324 15.91 10.69 -8.23
N TYR A 325 16.01 11.80 -7.49
CA TYR A 325 15.05 12.88 -7.59
C TYR A 325 14.72 13.32 -9.02
N ASP A 326 13.42 13.41 -9.30
CA ASP A 326 12.90 13.95 -10.54
C ASP A 326 11.56 14.59 -10.18
N PRO A 327 11.48 15.94 -10.29
CA PRO A 327 10.32 16.74 -9.91
C PRO A 327 9.02 16.25 -10.52
N SER A 328 9.08 15.64 -11.71
CA SER A 328 7.90 15.16 -12.39
C SER A 328 7.28 13.94 -11.69
N GLU A 329 8.07 13.32 -10.81
CA GLU A 329 7.64 12.15 -10.04
C GLU A 329 7.40 12.50 -8.56
N ALA A 330 8.23 13.37 -8.01
CA ALA A 330 8.22 13.66 -6.58
C ALA A 330 7.53 15.00 -6.23
N GLU A 331 6.89 15.61 -7.21
CA GLU A 331 6.12 16.85 -7.05
C GLU A 331 4.98 16.86 -8.09
N ALA A 332 4.42 15.69 -8.38
CA ALA A 332 3.40 15.55 -9.43
C ALA A 332 2.11 16.31 -9.08
N PRO A 333 1.47 16.95 -10.09
CA PRO A 333 0.24 17.70 -9.83
C PRO A 333 -0.90 16.80 -9.31
N PRO A 334 -1.50 17.17 -8.16
CA PRO A 334 -2.63 16.42 -7.58
C PRO A 334 -3.87 16.41 -8.49
N ARG A 345 -21.45 11.05 0.28
CA ARG A 345 -22.34 11.29 1.46
C ARG A 345 -23.50 10.28 1.51
N GLU A 346 -24.73 10.78 1.66
CA GLU A 346 -25.88 9.89 1.84
C GLU A 346 -26.73 9.74 0.58
N HIS A 347 -26.84 8.50 0.11
CA HIS A 347 -27.70 8.15 -1.01
C HIS A 347 -28.36 6.80 -0.73
N THR A 348 -29.38 6.46 -1.52
CA THR A 348 -30.04 5.15 -1.44
C THR A 348 -29.31 4.17 -2.38
N ILE A 349 -29.63 2.87 -2.30
CA ILE A 349 -28.96 1.87 -3.14
C ILE A 349 -29.13 2.17 -4.63
N GLU A 350 -30.36 2.49 -5.04
CA GLU A 350 -30.63 2.79 -6.43
C GLU A 350 -29.91 4.07 -6.90
N GLU A 351 -29.76 5.04 -5.99
CA GLU A 351 -28.97 6.24 -6.28
C GLU A 351 -27.47 5.95 -6.39
N TRP A 352 -27.00 5.00 -5.59
CA TRP A 352 -25.63 4.53 -5.72
C TRP A 352 -25.46 3.78 -7.04
N LYS A 353 -26.41 2.89 -7.34
CA LYS A 353 -26.47 2.20 -8.64
C LYS A 353 -26.32 3.14 -9.82
N GLU A 354 -26.98 4.30 -9.74
CA GLU A 354 -26.97 5.27 -10.83
C GLU A 354 -25.66 6.03 -10.89
N LEU A 355 -25.15 6.44 -9.73
CA LEU A 355 -23.88 7.15 -9.65
C LEU A 355 -22.73 6.30 -10.12
N ILE A 356 -22.75 5.02 -9.73
CA ILE A 356 -21.75 4.05 -10.18
C ILE A 356 -21.90 3.77 -11.69
N TYR A 357 -23.14 3.56 -12.15
CA TYR A 357 -23.40 3.31 -13.56
C TYR A 357 -22.84 4.41 -14.46
N LYS A 358 -23.05 5.67 -14.08
CA LYS A 358 -22.50 6.80 -14.85
C LYS A 358 -20.99 6.75 -14.87
N GLU A 359 -20.40 6.36 -13.76
CA GLU A 359 -18.96 6.30 -13.63
C GLU A 359 -18.40 5.19 -14.54
N VAL A 360 -19.13 4.09 -14.64
CA VAL A 360 -18.73 2.99 -15.53
C VAL A 360 -18.83 3.40 -17.01
N MET A 361 -19.92 4.06 -17.39
CA MET A 361 -20.13 4.48 -18.77
C MET A 361 -19.28 5.71 -19.16
N PRO B 2 24.25 8.57 -11.70
CA PRO B 2 23.82 7.28 -11.17
C PRO B 2 22.56 6.78 -11.89
N LYS B 3 22.68 5.63 -12.54
CA LYS B 3 21.60 5.12 -13.38
C LYS B 3 20.63 4.24 -12.60
N ARG B 4 19.34 4.41 -12.91
CA ARG B 4 18.27 3.65 -12.27
C ARG B 4 18.32 2.18 -12.67
N PRO B 5 18.23 1.28 -11.67
CA PRO B 5 18.14 -0.16 -11.92
C PRO B 5 17.03 -0.46 -12.91
N THR B 6 17.30 -1.41 -13.81
CA THR B 6 16.33 -1.79 -14.85
C THR B 6 15.96 -3.26 -14.74
N THR B 7 16.43 -3.91 -13.68
CA THR B 7 16.11 -5.31 -13.44
C THR B 7 15.84 -5.60 -11.97
N LEU B 8 14.99 -6.58 -11.73
CA LEU B 8 14.71 -7.03 -10.38
C LEU B 8 14.37 -8.51 -10.40
N ASN B 9 15.15 -9.29 -9.66
CA ASN B 9 14.91 -10.73 -9.54
C ASN B 9 13.69 -11.06 -8.71
N LEU B 10 12.78 -11.82 -9.29
CA LEU B 10 11.53 -12.17 -8.60
C LEU B 10 11.70 -13.46 -7.82
#